data_5W96
#
_entry.id   5W96
#
_entity_poly.entity_id   1
_entity_poly.type   'polypeptide(L)'
_entity_poly.pdbx_seq_one_letter_code
;LPSDDLEFWCHVMY
;
_entity_poly.pdbx_strand_id   A,B
#
# COMPACT_ATOMS: atom_id res chain seq x y z
N LEU A 1 9.92 10.11 10.46
CA LEU A 1 9.73 9.57 9.09
C LEU A 1 9.31 8.10 9.13
N PRO A 2 8.01 7.82 9.29
CA PRO A 2 7.49 6.46 9.35
C PRO A 2 7.96 5.62 8.16
N SER A 3 7.93 6.21 6.97
CA SER A 3 8.34 5.51 5.76
C SER A 3 7.47 4.29 5.51
N ASP A 4 6.35 4.48 4.83
CA ASP A 4 5.43 3.40 4.52
C ASP A 4 5.86 2.67 3.26
N ASP A 5 6.06 1.36 3.37
CA ASP A 5 6.46 0.55 2.22
C ASP A 5 5.31 -0.31 1.72
N LEU A 6 5.10 -0.30 0.41
CA LEU A 6 4.02 -1.06 -0.20
C LEU A 6 4.39 -2.54 -0.28
N GLU A 7 5.68 -2.82 -0.44
CA GLU A 7 6.16 -4.19 -0.52
C GLU A 7 5.82 -4.97 0.73
N PHE A 8 5.79 -4.28 1.86
CA PHE A 8 5.47 -4.91 3.14
C PHE A 8 3.99 -4.79 3.46
N TRP A 9 3.37 -3.71 3.00
CA TRP A 9 1.95 -3.48 3.22
C TRP A 9 1.10 -4.40 2.34
N CYS A 10 1.28 -4.28 1.04
CA CYS A 10 0.54 -5.09 0.08
C CYS A 10 1.05 -6.52 0.07
N HIS A 11 0.85 -7.23 1.17
CA HIS A 11 1.30 -8.62 1.29
C HIS A 11 0.83 -9.23 2.61
N VAL A 12 1.07 -8.52 3.70
CA VAL A 12 0.67 -8.99 5.02
C VAL A 12 -0.83 -8.85 5.23
N MET A 13 -1.40 -7.80 4.65
CA MET A 13 -2.83 -7.55 4.77
C MET A 13 -3.60 -8.16 3.59
N TYR A 14 -3.43 -7.55 2.42
CA TYR A 14 -4.09 -8.03 1.21
C TYR A 14 -3.50 -9.36 0.76
N LEU B 1 1.16 6.29 0.44
CA LEU B 1 0.91 7.73 0.73
C LEU B 1 -0.22 7.90 1.74
N PRO B 2 -0.16 8.98 2.54
CA PRO B 2 -1.18 9.25 3.56
C PRO B 2 -2.52 9.67 2.94
N SER B 3 -2.45 10.27 1.76
CA SER B 3 -3.65 10.72 1.06
C SER B 3 -4.36 9.55 0.39
N ASP B 4 -3.66 8.89 -0.53
CA ASP B 4 -4.22 7.75 -1.25
C ASP B 4 -4.55 6.61 -0.28
N ASP B 5 -5.42 5.71 -0.72
CA ASP B 5 -5.82 4.57 0.11
C ASP B 5 -5.21 3.28 -0.41
N LEU B 6 -5.05 2.30 0.47
CA LEU B 6 -4.47 1.02 0.09
C LEU B 6 -5.44 0.22 -0.77
N GLU B 7 -6.73 0.42 -0.55
CA GLU B 7 -7.76 -0.28 -1.31
C GLU B 7 -7.65 0.05 -2.79
N PHE B 8 -7.21 1.25 -3.10
CA PHE B 8 -7.06 1.69 -4.48
C PHE B 8 -5.63 1.49 -4.96
N TRP B 9 -4.67 1.72 -4.06
CA TRP B 9 -3.26 1.56 -4.39
C TRP B 9 -2.89 0.09 -4.55
N CYS B 10 -3.60 -0.77 -3.82
CA CYS B 10 -3.34 -2.20 -3.87
C CYS B 10 -4.30 -2.89 -4.84
N HIS B 11 -4.56 -2.24 -5.97
CA HIS B 11 -5.46 -2.79 -6.98
C HIS B 11 -4.97 -2.46 -8.39
N VAL B 12 -4.62 -1.19 -8.59
CA VAL B 12 -4.13 -0.74 -9.89
C VAL B 12 -2.68 -1.17 -10.12
N MET B 13 -1.88 -1.08 -9.06
CA MET B 13 -0.47 -1.46 -9.14
C MET B 13 -0.30 -2.96 -8.89
N TYR B 14 -0.70 -3.41 -7.71
CA TYR B 14 -0.59 -4.82 -7.34
C TYR B 14 -1.80 -5.61 -7.84
N LEU A 1 7.87 6.74 10.67
CA LEU A 1 7.08 5.49 10.53
C LEU A 1 7.98 4.29 10.28
N PRO A 2 7.55 3.09 10.69
CA PRO A 2 8.33 1.85 10.49
C PRO A 2 8.76 1.67 9.05
N SER A 3 7.79 1.71 8.14
CA SER A 3 8.07 1.55 6.71
C SER A 3 6.88 1.99 5.87
N ASP A 4 7.14 2.80 4.85
CA ASP A 4 6.09 3.28 3.96
C ASP A 4 6.14 2.57 2.62
N ASP A 5 6.49 1.29 2.65
CA ASP A 5 6.57 0.50 1.43
C ASP A 5 5.22 -0.12 1.10
N LEU A 6 4.95 -0.30 -0.20
CA LEU A 6 3.69 -0.88 -0.65
C LEU A 6 3.80 -2.41 -0.72
N GLU A 7 4.99 -2.90 -1.01
CA GLU A 7 5.22 -4.34 -1.10
C GLU A 7 5.01 -5.01 0.25
N PHE A 8 5.29 -4.29 1.32
CA PHE A 8 5.13 -4.81 2.68
C PHE A 8 3.68 -4.71 3.12
N TRP A 9 3.03 -3.61 2.77
CA TRP A 9 1.64 -3.39 3.13
C TRP A 9 0.71 -4.23 2.26
N CYS A 10 0.92 -4.19 0.96
CA CYS A 10 0.11 -4.95 0.02
C CYS A 10 0.55 -6.40 -0.03
N HIS A 11 0.47 -7.09 1.10
CA HIS A 11 0.86 -8.49 1.19
C HIS A 11 0.54 -9.07 2.56
N VAL A 12 1.00 -8.38 3.61
CA VAL A 12 0.76 -8.82 4.98
C VAL A 12 -0.71 -8.63 5.36
N MET A 13 -1.34 -7.62 4.79
CA MET A 13 -2.74 -7.33 5.07
C MET A 13 -3.65 -7.85 3.96
N TYR A 14 -3.24 -7.60 2.72
CA TYR A 14 -4.00 -8.05 1.56
C TYR A 14 -3.50 -9.39 1.05
N LEU B 1 -11.32 8.56 7.02
CA LEU B 1 -11.08 8.38 5.57
C LEU B 1 -9.81 9.11 5.13
N PRO B 2 -8.64 8.49 5.31
CA PRO B 2 -7.35 9.08 4.94
C PRO B 2 -7.18 9.16 3.43
N SER B 3 -6.09 9.79 2.99
CA SER B 3 -5.81 9.94 1.57
C SER B 3 -5.08 8.71 1.02
N ASP B 4 -4.00 8.33 1.69
CA ASP B 4 -3.22 7.17 1.28
C ASP B 4 -4.00 5.88 1.50
N ASP B 5 -4.90 5.56 0.58
CA ASP B 5 -5.72 4.36 0.69
C ASP B 5 -4.94 3.14 0.21
N LEU B 6 -5.20 1.99 0.83
CA LEU B 6 -4.52 0.76 0.46
C LEU B 6 -5.33 -0.02 -0.59
N GLU B 7 -6.64 0.07 -0.50
CA GLU B 7 -7.52 -0.61 -1.44
C GLU B 7 -7.32 -0.08 -2.86
N PHE B 8 -7.03 1.21 -2.97
CA PHE B 8 -6.80 1.83 -4.27
C PHE B 8 -5.37 1.62 -4.74
N TRP B 9 -4.44 1.56 -3.79
CA TRP B 9 -3.03 1.36 -4.10
C TRP B 9 -2.74 -0.12 -4.38
N CYS B 10 -3.04 -0.96 -3.39
CA CYS B 10 -2.82 -2.40 -3.52
C CYS B 10 -3.84 -3.03 -4.46
N HIS B 11 -3.77 -2.69 -5.74
CA HIS B 11 -4.69 -3.22 -6.72
C HIS B 11 -4.33 -2.73 -8.12
N VAL B 12 -4.43 -1.42 -8.33
CA VAL B 12 -4.11 -0.82 -9.62
C VAL B 12 -2.64 -0.99 -9.96
N MET B 13 -1.80 -0.94 -8.92
CA MET B 13 -0.35 -1.08 -9.12
C MET B 13 0.07 -2.54 -8.98
N TYR B 14 -0.49 -3.22 -7.99
CA TYR B 14 -0.17 -4.63 -7.74
C TYR B 14 -1.26 -5.54 -8.31
N LEU A 1 7.92 7.20 11.72
CA LEU A 1 6.94 6.13 12.05
C LEU A 1 7.37 4.80 11.44
N PRO A 2 6.83 3.68 11.96
CA PRO A 2 7.16 2.33 11.46
C PRO A 2 6.59 2.09 10.07
N SER A 3 6.71 0.84 9.61
CA SER A 3 6.20 0.47 8.29
C SER A 3 6.90 1.26 7.19
N ASP A 4 6.92 0.71 5.98
CA ASP A 4 7.55 1.37 4.85
C ASP A 4 7.37 0.56 3.58
N ASP A 5 7.57 1.21 2.44
CA ASP A 5 7.42 0.54 1.14
C ASP A 5 6.01 0.04 0.96
N LEU A 6 5.73 -0.52 -0.23
CA LEU A 6 4.40 -1.04 -0.53
C LEU A 6 4.41 -2.57 -0.52
N GLU A 7 5.55 -3.16 -0.88
CA GLU A 7 5.68 -4.61 -0.91
C GLU A 7 5.41 -5.21 0.47
N PHE A 8 5.74 -4.47 1.51
CA PHE A 8 5.52 -4.92 2.89
C PHE A 8 4.08 -4.73 3.30
N TRP A 9 3.46 -3.67 2.81
CA TRP A 9 2.07 -3.37 3.13
C TRP A 9 1.11 -4.17 2.25
N CYS A 10 1.19 -3.96 0.95
CA CYS A 10 0.33 -4.66 -0.01
C CYS A 10 0.76 -6.12 -0.13
N HIS A 11 0.55 -6.89 0.92
CA HIS A 11 0.91 -8.31 0.92
C HIS A 11 0.47 -8.98 2.23
N VAL A 12 0.94 -8.44 3.34
CA VAL A 12 0.60 -8.99 4.65
C VAL A 12 -0.89 -8.81 4.96
N MET A 13 -1.42 -7.66 4.55
CA MET A 13 -2.84 -7.37 4.78
C MET A 13 -3.71 -7.92 3.65
N TYR A 14 -3.50 -7.40 2.44
CA TYR A 14 -4.26 -7.85 1.28
C TYR A 14 -3.53 -8.97 0.55
N LEU B 1 3.80 7.31 6.10
CA LEU B 1 2.42 7.88 6.00
C LEU B 1 2.03 8.14 4.55
N PRO B 2 1.55 7.10 3.84
CA PRO B 2 1.13 7.23 2.44
C PRO B 2 -0.14 8.05 2.28
N SER B 3 -0.72 8.01 1.09
CA SER B 3 -1.94 8.75 0.81
C SER B 3 -2.97 7.86 0.13
N ASP B 4 -4.17 8.41 -0.09
CA ASP B 4 -5.24 7.66 -0.73
C ASP B 4 -5.62 6.43 0.09
N ASP B 5 -6.53 5.63 -0.44
CA ASP B 5 -6.98 4.42 0.24
C ASP B 5 -6.19 3.20 -0.25
N LEU B 6 -5.91 2.29 0.67
CA LEU B 6 -5.17 1.08 0.35
C LEU B 6 -5.91 0.25 -0.70
N GLU B 7 -7.23 0.32 -0.66
CA GLU B 7 -8.06 -0.41 -1.60
C GLU B 7 -7.75 -0.01 -3.04
N PHE B 8 -7.38 1.26 -3.23
CA PHE B 8 -7.06 1.78 -4.55
C PHE B 8 -5.58 1.56 -4.87
N TRP B 9 -4.73 1.66 -3.86
CA TRP B 9 -3.30 1.47 -4.04
C TRP B 9 -2.97 0.00 -4.25
N CYS B 10 -3.17 -0.81 -3.22
CA CYS B 10 -2.90 -2.24 -3.29
C CYS B 10 -3.92 -2.95 -4.17
N HIS B 11 -3.85 -2.70 -5.48
CA HIS B 11 -4.77 -3.31 -6.43
C HIS B 11 -4.41 -2.92 -7.85
N VAL B 12 -4.36 -1.62 -8.11
CA VAL B 12 -4.03 -1.10 -9.44
C VAL B 12 -2.55 -1.27 -9.74
N MET B 13 -1.72 -1.10 -8.71
CA MET B 13 -0.27 -1.22 -8.87
C MET B 13 0.16 -2.67 -8.69
N TYR B 14 -0.55 -3.41 -7.84
CA TYR B 14 -0.24 -4.81 -7.59
C TYR B 14 -1.50 -5.67 -7.63
N LEU A 1 17.22 -0.88 4.09
CA LEU A 1 16.24 -0.79 5.21
C LEU A 1 14.88 -0.31 4.72
N PRO A 2 14.02 -1.25 4.28
CA PRO A 2 12.68 -0.91 3.78
C PRO A 2 11.75 -0.45 4.89
N SER A 3 11.17 0.74 4.72
CA SER A 3 10.26 1.31 5.71
C SER A 3 9.00 1.83 5.05
N ASP A 4 9.17 2.80 4.15
CA ASP A 4 8.04 3.38 3.45
C ASP A 4 7.92 2.82 2.03
N ASP A 5 7.33 1.63 1.93
CA ASP A 5 7.16 0.97 0.64
C ASP A 5 5.86 0.17 0.61
N LEU A 6 5.45 -0.24 -0.59
CA LEU A 6 4.22 -1.02 -0.76
C LEU A 6 4.53 -2.48 -0.99
N GLU A 7 5.63 -2.96 -0.41
CA GLU A 7 6.04 -4.34 -0.56
C GLU A 7 5.68 -5.16 0.68
N PHE A 8 5.78 -4.52 1.85
CA PHE A 8 5.47 -5.19 3.11
C PHE A 8 4.00 -5.00 3.46
N TRP A 9 3.49 -3.79 3.25
CA TRP A 9 2.10 -3.48 3.55
C TRP A 9 1.15 -4.31 2.67
N CYS A 10 1.32 -4.18 1.36
CA CYS A 10 0.50 -4.92 0.41
C CYS A 10 1.00 -6.34 0.22
N HIS A 11 0.86 -7.16 1.27
CA HIS A 11 1.31 -8.55 1.22
C HIS A 11 0.97 -9.26 2.53
N VAL A 12 1.23 -8.61 3.65
CA VAL A 12 0.97 -9.18 4.96
C VAL A 12 -0.53 -9.15 5.27
N MET A 13 -1.20 -8.10 4.81
CA MET A 13 -2.64 -7.95 5.03
C MET A 13 -3.44 -8.57 3.90
N TYR A 14 -3.16 -8.14 2.68
CA TYR A 14 -3.87 -8.65 1.51
C TYR A 14 -3.14 -9.85 0.92
N LEU B 1 -10.56 8.46 10.00
CA LEU B 1 -10.71 8.82 8.57
C LEU B 1 -9.36 9.20 7.96
N PRO B 2 -8.58 8.19 7.52
CA PRO B 2 -7.27 8.41 6.91
C PRO B 2 -7.37 9.06 5.53
N SER B 3 -6.37 9.86 5.17
CA SER B 3 -6.36 10.52 3.88
C SER B 3 -6.11 9.53 2.75
N ASP B 4 -5.16 8.63 2.96
CA ASP B 4 -4.82 7.62 1.98
C ASP B 4 -5.45 6.27 2.32
N ASP B 5 -5.76 5.49 1.31
CA ASP B 5 -6.37 4.18 1.50
C ASP B 5 -5.69 3.12 0.63
N LEU B 6 -5.83 1.86 1.02
CA LEU B 6 -5.23 0.76 0.27
C LEU B 6 -6.27 0.10 -0.64
N GLU B 7 -7.23 0.89 -1.12
CA GLU B 7 -8.27 0.38 -1.99
C GLU B 7 -7.96 0.71 -3.45
N PHE B 8 -7.39 1.88 -3.69
CA PHE B 8 -7.04 2.31 -5.04
C PHE B 8 -5.59 2.00 -5.34
N TRP B 9 -4.73 2.15 -4.34
CA TRP B 9 -3.31 1.89 -4.50
C TRP B 9 -3.04 0.39 -4.60
N CYS B 10 -3.57 -0.36 -3.64
CA CYS B 10 -3.39 -1.81 -3.61
C CYS B 10 -4.41 -2.50 -4.52
N HIS B 11 -4.34 -2.21 -5.82
CA HIS B 11 -5.25 -2.80 -6.79
C HIS B 11 -4.81 -2.48 -8.21
N VAL B 12 -4.42 -1.23 -8.45
CA VAL B 12 -3.98 -0.80 -9.76
C VAL B 12 -2.53 -1.23 -10.02
N MET B 13 -1.73 -1.25 -8.96
CA MET B 13 -0.33 -1.64 -9.06
C MET B 13 -0.14 -3.11 -8.74
N TYR B 14 -0.77 -3.55 -7.65
CA TYR B 14 -0.66 -4.96 -7.23
C TYR B 14 -1.94 -5.71 -7.58
N LEU A 1 3.78 -0.28 14.20
CA LEU A 1 4.91 -0.68 13.32
C LEU A 1 5.11 0.32 12.18
N PRO A 2 6.34 0.45 11.67
CA PRO A 2 6.65 1.38 10.57
C PRO A 2 6.06 0.92 9.25
N SER A 3 5.94 1.85 8.30
CA SER A 3 5.39 1.53 6.99
C SER A 3 5.88 2.53 5.95
N ASP A 4 6.20 2.02 4.77
CA ASP A 4 6.68 2.87 3.67
C ASP A 4 6.68 2.12 2.34
N ASP A 5 7.13 0.87 2.39
CA ASP A 5 7.18 0.04 1.18
C ASP A 5 5.82 -0.59 0.92
N LEU A 6 5.28 -0.33 -0.28
CA LEU A 6 3.98 -0.87 -0.66
C LEU A 6 4.03 -2.40 -0.75
N GLU A 7 5.20 -2.93 -1.10
CA GLU A 7 5.37 -4.37 -1.21
C GLU A 7 5.11 -5.06 0.12
N PHE A 8 5.45 -4.38 1.21
CA PHE A 8 5.25 -4.92 2.55
C PHE A 8 3.80 -4.73 3.00
N TRP A 9 3.24 -3.57 2.70
CA TRP A 9 1.87 -3.27 3.08
C TRP A 9 0.88 -4.12 2.28
N CYS A 10 0.94 -4.00 0.95
CA CYS A 10 0.06 -4.75 0.07
C CYS A 10 0.47 -6.22 0.02
N HIS A 11 0.29 -6.92 1.14
CA HIS A 11 0.65 -8.34 1.22
C HIS A 11 0.29 -8.91 2.58
N VAL A 12 0.83 -8.31 3.64
CA VAL A 12 0.56 -8.76 5.00
C VAL A 12 -0.93 -8.65 5.33
N MET A 13 -1.59 -7.66 4.76
CA MET A 13 -3.01 -7.44 4.99
C MET A 13 -3.83 -7.86 3.78
N TYR A 14 -3.29 -7.61 2.59
CA TYR A 14 -3.97 -7.95 1.34
C TYR A 14 -3.31 -9.16 0.69
N LEU B 1 -11.04 8.94 4.04
CA LEU B 1 -10.19 9.19 2.85
C LEU B 1 -9.34 10.44 3.02
N PRO B 2 -8.22 10.34 3.75
CA PRO B 2 -7.32 11.47 4.00
C PRO B 2 -6.57 11.89 2.74
N SER B 3 -6.04 10.92 2.01
CA SER B 3 -5.30 11.19 0.78
C SER B 3 -4.87 9.89 0.11
N ASP B 4 -4.05 9.11 0.81
CA ASP B 4 -3.57 7.84 0.27
C ASP B 4 -4.25 6.66 0.97
N ASP B 5 -4.67 5.69 0.17
CA ASP B 5 -5.35 4.51 0.69
C ASP B 5 -4.59 3.24 0.32
N LEU B 6 -5.11 2.10 0.75
CA LEU B 6 -4.48 0.81 0.47
C LEU B 6 -5.36 -0.03 -0.47
N GLU B 7 -6.67 0.05 -0.27
CA GLU B 7 -7.61 -0.69 -1.09
C GLU B 7 -7.50 -0.30 -2.56
N PHE B 8 -7.21 0.98 -2.79
CA PHE B 8 -7.07 1.49 -4.15
C PHE B 8 -5.64 1.32 -4.65
N TRP B 9 -4.68 1.56 -3.77
CA TRP B 9 -3.27 1.43 -4.11
C TRP B 9 -2.90 -0.03 -4.35
N CYS B 10 -3.25 -0.89 -3.39
CA CYS B 10 -2.95 -2.31 -3.49
C CYS B 10 -3.88 -2.99 -4.49
N HIS B 11 -3.73 -2.63 -5.76
CA HIS B 11 -4.55 -3.21 -6.81
C HIS B 11 -4.12 -2.70 -8.19
N VAL B 12 -4.25 -1.39 -8.38
CA VAL B 12 -3.88 -0.77 -9.66
C VAL B 12 -2.40 -0.99 -9.96
N MET B 13 -1.59 -1.03 -8.91
CA MET B 13 -0.15 -1.24 -9.06
C MET B 13 0.22 -2.70 -8.83
N TYR B 14 -0.48 -3.34 -7.90
CA TYR B 14 -0.22 -4.74 -7.59
C TYR B 14 -1.36 -5.63 -8.10
N LEU A 1 11.55 10.36 8.65
CA LEU A 1 10.85 9.28 9.40
C LEU A 1 10.49 8.12 8.48
N PRO A 2 11.42 7.16 8.32
CA PRO A 2 11.20 5.99 7.46
C PRO A 2 9.90 5.27 7.79
N SER A 3 8.93 5.37 6.88
CA SER A 3 7.63 4.74 7.07
C SER A 3 6.75 4.93 5.85
N ASP A 4 6.98 4.12 4.82
CA ASP A 4 6.19 4.21 3.59
C ASP A 4 6.59 3.11 2.62
N ASP A 5 5.96 1.94 2.77
CA ASP A 5 6.25 0.80 1.91
C ASP A 5 4.97 0.08 1.51
N LEU A 6 4.87 -0.29 0.24
CA LEU A 6 3.69 -0.98 -0.27
C LEU A 6 3.96 -2.48 -0.42
N GLU A 7 5.21 -2.81 -0.73
CA GLU A 7 5.60 -4.21 -0.91
C GLU A 7 5.36 -5.00 0.38
N PHE A 8 5.50 -4.34 1.51
CA PHE A 8 5.29 -4.98 2.80
C PHE A 8 3.84 -4.84 3.26
N TRP A 9 3.21 -3.74 2.87
CA TRP A 9 1.82 -3.50 3.25
C TRP A 9 0.87 -4.33 2.39
N CYS A 10 1.28 -4.59 1.15
CA CYS A 10 0.46 -5.39 0.23
C CYS A 10 0.91 -6.84 0.21
N HIS A 11 1.25 -7.36 1.39
CA HIS A 11 1.69 -8.74 1.52
C HIS A 11 1.13 -9.38 2.80
N VAL A 12 1.24 -8.67 3.91
CA VAL A 12 0.74 -9.15 5.19
C VAL A 12 -0.78 -9.00 5.28
N MET A 13 -1.29 -7.94 4.66
CA MET A 13 -2.73 -7.69 4.68
C MET A 13 -3.39 -8.17 3.39
N TYR A 14 -2.90 -7.68 2.26
CA TYR A 14 -3.43 -8.07 0.96
C TYR A 14 -2.68 -9.27 0.40
N LEU B 1 1.53 14.01 0.87
CA LEU B 1 1.57 13.43 -0.49
C LEU B 1 0.17 13.14 -1.01
N PRO B 2 -0.01 13.17 -2.34
CA PRO B 2 -1.31 12.91 -2.97
C PRO B 2 -1.73 11.45 -2.84
N SER B 3 -0.79 10.54 -3.07
CA SER B 3 -1.06 9.11 -2.99
C SER B 3 -1.50 8.73 -1.58
N ASP B 4 -2.62 8.01 -1.49
CA ASP B 4 -3.15 7.58 -0.20
C ASP B 4 -4.09 6.40 -0.38
N ASP B 5 -4.70 5.97 0.72
CA ASP B 5 -5.63 4.84 0.70
C ASP B 5 -4.92 3.57 0.22
N LEU B 6 -5.47 2.42 0.59
CA LEU B 6 -4.91 1.14 0.19
C LEU B 6 -5.81 0.43 -0.82
N GLU B 7 -7.11 0.66 -0.71
CA GLU B 7 -8.08 0.04 -1.60
C GLU B 7 -7.81 0.46 -3.05
N PHE B 8 -7.29 1.66 -3.23
CA PHE B 8 -6.99 2.17 -4.57
C PHE B 8 -5.55 1.86 -4.95
N TRP B 9 -4.63 2.11 -4.03
CA TRP B 9 -3.21 1.85 -4.27
C TRP B 9 -2.95 0.36 -4.49
N CYS B 10 -3.42 -0.45 -3.55
CA CYS B 10 -3.24 -1.89 -3.64
C CYS B 10 -4.31 -2.52 -4.52
N HIS B 11 -4.19 -2.32 -5.83
CA HIS B 11 -5.15 -2.87 -6.78
C HIS B 11 -4.73 -2.57 -8.21
N VAL B 12 -4.36 -1.32 -8.46
CA VAL B 12 -3.93 -0.90 -9.79
C VAL B 12 -2.50 -1.35 -10.07
N MET B 13 -1.69 -1.43 -9.03
CA MET B 13 -0.29 -1.84 -9.17
C MET B 13 -0.12 -3.29 -8.72
N TYR B 14 -0.77 -3.65 -7.62
CA TYR B 14 -0.68 -5.00 -7.09
C TYR B 14 -1.94 -5.80 -7.43
N LEU A 1 6.27 7.30 10.44
CA LEU A 1 5.01 6.69 9.93
C LEU A 1 5.00 5.18 10.14
N PRO A 2 3.80 4.57 10.15
CA PRO A 2 3.66 3.12 10.35
C PRO A 2 4.17 2.32 9.15
N SER A 3 4.11 2.92 7.98
CA SER A 3 4.58 2.26 6.76
C SER A 3 4.95 3.29 5.69
N ASP A 4 5.37 2.81 4.53
CA ASP A 4 5.75 3.68 3.42
C ASP A 4 5.70 2.94 2.10
N ASP A 5 6.60 1.98 1.92
CA ASP A 5 6.66 1.19 0.69
C ASP A 5 5.41 0.35 0.54
N LEU A 6 5.16 -0.12 -0.68
CA LEU A 6 3.99 -0.95 -0.97
C LEU A 6 4.38 -2.41 -1.14
N GLU A 7 5.43 -2.83 -0.43
CA GLU A 7 5.92 -4.20 -0.51
C GLU A 7 5.52 -4.99 0.72
N PHE A 8 5.47 -4.31 1.87
CA PHE A 8 5.10 -4.95 3.12
C PHE A 8 3.60 -4.83 3.38
N TRP A 9 3.06 -3.64 3.13
CA TRP A 9 1.63 -3.40 3.33
C TRP A 9 0.79 -4.23 2.36
N CYS A 10 1.04 -4.04 1.06
CA CYS A 10 0.31 -4.77 0.05
C CYS A 10 0.79 -6.22 -0.05
N HIS A 11 0.58 -6.97 1.02
CA HIS A 11 0.99 -8.37 1.07
C HIS A 11 0.56 -9.03 2.38
N VAL A 12 0.87 -8.36 3.49
CA VAL A 12 0.52 -8.87 4.80
C VAL A 12 -0.97 -8.71 5.08
N MET A 13 -1.54 -7.63 4.55
CA MET A 13 -2.96 -7.35 4.75
C MET A 13 -3.77 -7.81 3.53
N TYR A 14 -3.28 -7.48 2.35
CA TYR A 14 -3.96 -7.85 1.12
C TYR A 14 -3.35 -9.12 0.52
N LEU B 1 1.64 14.44 -4.05
CA LEU B 1 0.23 14.00 -4.21
C LEU B 1 -0.11 12.90 -3.21
N PRO B 2 -0.59 13.27 -2.01
CA PRO B 2 -0.96 12.32 -0.97
C PRO B 2 -2.22 11.54 -1.33
N SER B 3 -2.15 10.21 -1.20
CA SER B 3 -3.29 9.35 -1.50
C SER B 3 -3.63 8.45 -0.32
N ASP B 4 -4.93 8.28 -0.06
CA ASP B 4 -5.38 7.44 1.04
C ASP B 4 -5.94 6.13 0.53
N ASP B 5 -6.47 5.32 1.44
CA ASP B 5 -7.03 4.02 1.08
C ASP B 5 -5.97 3.11 0.49
N LEU B 6 -5.78 1.94 1.10
CA LEU B 6 -4.79 0.97 0.63
C LEU B 6 -5.36 0.15 -0.53
N GLU B 7 -6.67 -0.05 -0.52
CA GLU B 7 -7.32 -0.83 -1.57
C GLU B 7 -7.10 -0.18 -2.94
N PHE B 8 -6.99 1.14 -2.96
CA PHE B 8 -6.78 1.87 -4.19
C PHE B 8 -5.36 1.66 -4.72
N TRP B 9 -4.40 1.62 -3.81
CA TRP B 9 -3.00 1.42 -4.19
C TRP B 9 -2.72 -0.06 -4.43
N CYS B 10 -2.97 -0.89 -3.42
CA CYS B 10 -2.74 -2.32 -3.53
C CYS B 10 -3.84 -2.99 -4.35
N HIS B 11 -3.92 -2.61 -5.63
CA HIS B 11 -4.92 -3.18 -6.53
C HIS B 11 -4.73 -2.64 -7.95
N VAL B 12 -4.48 -1.34 -8.05
CA VAL B 12 -4.28 -0.71 -9.34
C VAL B 12 -2.91 -1.02 -9.91
N MET B 13 -1.93 -1.19 -9.02
CA MET B 13 -0.57 -1.49 -9.43
C MET B 13 -0.27 -2.99 -9.30
N TYR B 14 -0.54 -3.52 -8.11
CA TYR B 14 -0.31 -4.95 -7.85
C TYR B 14 -1.61 -5.73 -7.95
N LEU A 1 16.52 6.92 2.08
CA LEU A 1 15.87 6.35 3.28
C LEU A 1 14.34 6.36 3.15
N PRO A 2 13.78 5.31 2.52
CA PRO A 2 12.33 5.21 2.32
C PRO A 2 11.59 4.95 3.63
N SER A 3 10.56 5.75 3.88
CA SER A 3 9.76 5.61 5.10
C SER A 3 8.87 4.38 5.03
N ASP A 4 7.93 4.37 4.08
CA ASP A 4 7.02 3.25 3.91
C ASP A 4 6.94 2.84 2.45
N ASP A 5 6.67 1.55 2.22
CA ASP A 5 6.57 1.02 0.86
C ASP A 5 5.33 0.14 0.71
N LEU A 6 4.98 -0.17 -0.53
CA LEU A 6 3.81 -1.00 -0.82
C LEU A 6 4.23 -2.43 -1.11
N GLU A 7 5.30 -2.88 -0.45
CA GLU A 7 5.81 -4.23 -0.65
C GLU A 7 5.50 -5.11 0.57
N PHE A 8 5.49 -4.48 1.74
CA PHE A 8 5.21 -5.19 2.98
C PHE A 8 3.77 -5.01 3.41
N TRP A 9 3.20 -3.85 3.08
CA TRP A 9 1.81 -3.55 3.43
C TRP A 9 0.85 -4.33 2.54
N CYS A 10 1.26 -4.60 1.31
CA CYS A 10 0.43 -5.34 0.37
C CYS A 10 0.80 -6.82 0.37
N HIS A 11 1.00 -7.37 1.56
CA HIS A 11 1.35 -8.78 1.70
C HIS A 11 0.83 -9.34 3.02
N VAL A 12 1.07 -8.61 4.11
CA VAL A 12 0.62 -9.03 5.43
C VAL A 12 -0.88 -8.85 5.58
N MET A 13 -1.42 -7.83 4.94
CA MET A 13 -2.85 -7.55 5.00
C MET A 13 -3.55 -8.02 3.73
N TYR A 14 -2.98 -7.68 2.59
CA TYR A 14 -3.56 -8.06 1.30
C TYR A 14 -2.79 -9.22 0.68
N LEU B 1 3.59 11.44 -1.98
CA LEU B 1 2.39 10.61 -1.66
C LEU B 1 2.75 9.50 -0.68
N PRO B 2 2.82 9.82 0.62
CA PRO B 2 3.15 8.84 1.66
C PRO B 2 2.02 7.83 1.88
N SER B 3 1.73 7.05 0.85
CA SER B 3 0.67 6.04 0.93
C SER B 3 -0.67 6.69 1.22
N ASP B 4 -1.29 7.24 0.19
CA ASP B 4 -2.59 7.90 0.34
C ASP B 4 -3.66 6.89 0.73
N ASP B 5 -3.83 5.85 -0.08
CA ASP B 5 -4.82 4.81 0.19
C ASP B 5 -4.25 3.43 -0.06
N LEU B 6 -4.99 2.41 0.31
CA LEU B 6 -4.56 1.03 0.13
C LEU B 6 -5.54 0.25 -0.75
N GLU B 7 -6.82 0.46 -0.53
CA GLU B 7 -7.86 -0.21 -1.31
C GLU B 7 -7.73 0.14 -2.79
N PHE B 8 -7.27 1.35 -3.07
CA PHE B 8 -7.11 1.81 -4.44
C PHE B 8 -5.69 1.55 -4.94
N TRP B 9 -4.71 1.78 -4.06
CA TRP B 9 -3.32 1.58 -4.41
C TRP B 9 -3.02 0.10 -4.62
N CYS B 10 -3.45 -0.72 -3.66
CA CYS B 10 -3.22 -2.16 -3.74
C CYS B 10 -4.23 -2.82 -4.68
N HIS B 11 -4.13 -2.49 -5.96
CA HIS B 11 -5.03 -3.05 -6.97
C HIS B 11 -4.64 -2.57 -8.37
N VAL B 12 -4.53 -1.25 -8.52
CA VAL B 12 -4.17 -0.66 -9.80
C VAL B 12 -2.69 -0.90 -10.12
N MET B 13 -1.86 -0.85 -9.10
CA MET B 13 -0.42 -1.05 -9.27
C MET B 13 -0.07 -2.53 -9.14
N TYR B 14 -0.68 -3.19 -8.17
CA TYR B 14 -0.43 -4.61 -7.95
C TYR B 14 -1.56 -5.47 -8.52
N LEU A 1 13.36 3.92 6.19
CA LEU A 1 13.38 4.52 4.84
C LEU A 1 12.54 5.80 4.78
N PRO A 2 12.76 6.64 3.76
CA PRO A 2 12.03 7.89 3.60
C PRO A 2 10.52 7.69 3.66
N SER A 3 10.05 6.58 3.10
CA SER A 3 8.63 6.27 3.09
C SER A 3 8.39 4.76 3.21
N ASP A 4 7.19 4.38 3.60
CA ASP A 4 6.84 2.98 3.76
C ASP A 4 6.76 2.29 2.40
N ASP A 5 6.91 0.97 2.41
CA ASP A 5 6.86 0.19 1.18
C ASP A 5 5.51 -0.51 1.03
N LEU A 6 4.91 -0.36 -0.14
CA LEU A 6 3.61 -0.98 -0.42
C LEU A 6 3.74 -2.49 -0.53
N GLU A 7 4.89 -2.95 -1.01
CA GLU A 7 5.13 -4.37 -1.17
C GLU A 7 5.03 -5.10 0.17
N PHE A 8 5.39 -4.40 1.24
CA PHE A 8 5.34 -4.98 2.58
C PHE A 8 3.94 -4.85 3.17
N TRP A 9 3.26 -3.76 2.84
CA TRP A 9 1.91 -3.51 3.34
C TRP A 9 0.89 -4.34 2.56
N CYS A 10 1.18 -4.60 1.29
CA CYS A 10 0.28 -5.37 0.44
C CYS A 10 0.73 -6.83 0.37
N HIS A 11 1.18 -7.35 1.50
CA HIS A 11 1.64 -8.74 1.57
C HIS A 11 1.23 -9.38 2.89
N VAL A 12 1.48 -8.67 3.99
CA VAL A 12 1.14 -9.17 5.31
C VAL A 12 -0.37 -9.19 5.52
N MET A 13 -1.05 -8.19 4.97
CA MET A 13 -2.50 -8.09 5.09
C MET A 13 -3.19 -8.58 3.84
N TYR A 14 -2.97 -7.88 2.73
CA TYR A 14 -3.59 -8.26 1.45
C TYR A 14 -2.95 -9.53 0.91
N LEU B 1 -2.13 11.79 -8.82
CA LEU B 1 -1.54 10.93 -7.77
C LEU B 1 -2.60 10.04 -7.12
N PRO B 2 -2.20 8.88 -6.59
CA PRO B 2 -3.12 7.94 -5.94
C PRO B 2 -3.65 8.48 -4.61
N SER B 3 -4.79 7.94 -4.18
CA SER B 3 -5.40 8.37 -2.93
C SER B 3 -4.52 8.00 -1.74
N ASP B 4 -4.98 8.35 -0.54
CA ASP B 4 -4.23 8.05 0.68
C ASP B 4 -4.83 6.84 1.41
N ASP B 5 -5.32 5.88 0.63
CA ASP B 5 -5.92 4.67 1.20
C ASP B 5 -5.36 3.42 0.52
N LEU B 6 -5.68 2.27 1.09
CA LEU B 6 -5.21 1.00 0.54
C LEU B 6 -6.31 0.32 -0.28
N GLU B 7 -7.16 1.14 -0.91
CA GLU B 7 -8.25 0.63 -1.72
C GLU B 7 -7.96 0.84 -3.21
N PHE B 8 -7.36 1.98 -3.53
CA PHE B 8 -7.04 2.31 -4.91
C PHE B 8 -5.59 1.96 -5.22
N TRP B 9 -4.73 2.07 -4.21
CA TRP B 9 -3.31 1.78 -4.38
C TRP B 9 -3.09 0.29 -4.59
N CYS B 10 -3.50 -0.51 -3.61
CA CYS B 10 -3.35 -1.96 -3.68
C CYS B 10 -4.33 -2.57 -4.67
N HIS B 11 -4.11 -2.30 -5.95
CA HIS B 11 -4.97 -2.82 -7.02
C HIS B 11 -4.42 -2.47 -8.39
N VAL B 12 -4.27 -1.18 -8.66
CA VAL B 12 -3.74 -0.73 -9.95
C VAL B 12 -2.30 -1.18 -10.14
N MET B 13 -1.55 -1.25 -9.05
CA MET B 13 -0.16 -1.67 -9.10
C MET B 13 -0.04 -3.17 -8.86
N TYR B 14 -0.38 -3.60 -7.65
CA TYR B 14 -0.31 -5.01 -7.29
C TYR B 14 -1.62 -5.72 -7.60
N LEU A 1 5.67 6.36 0.68
CA LEU A 1 6.18 7.40 1.60
C LEU A 1 7.07 6.80 2.69
N PRO A 2 7.96 7.62 3.28
CA PRO A 2 8.87 7.15 4.33
C PRO A 2 8.14 6.45 5.47
N SER A 3 6.88 6.83 5.67
CA SER A 3 6.07 6.24 6.73
C SER A 3 5.90 4.73 6.51
N ASP A 4 5.07 4.37 5.54
CA ASP A 4 4.84 2.97 5.23
C ASP A 4 5.27 2.64 3.80
N ASP A 5 5.45 1.36 3.52
CA ASP A 5 5.86 0.92 2.20
C ASP A 5 4.68 0.32 1.42
N LEU A 6 4.98 -0.31 0.30
CA LEU A 6 3.94 -0.92 -0.53
C LEU A 6 4.20 -2.42 -0.70
N GLU A 7 5.45 -2.77 -0.94
CA GLU A 7 5.83 -4.17 -1.12
C GLU A 7 5.50 -4.99 0.12
N PHE A 8 5.58 -4.35 1.28
CA PHE A 8 5.30 -5.02 2.54
C PHE A 8 3.83 -4.86 2.92
N TRP A 9 3.28 -3.68 2.66
CA TRP A 9 1.89 -3.39 2.98
C TRP A 9 0.95 -4.26 2.14
N CYS A 10 1.04 -4.12 0.82
CA CYS A 10 0.21 -4.89 -0.09
C CYS A 10 0.65 -6.34 -0.13
N HIS A 11 0.38 -7.07 0.96
CA HIS A 11 0.75 -8.47 1.06
C HIS A 11 0.25 -9.07 2.36
N VAL A 12 0.80 -8.59 3.48
CA VAL A 12 0.42 -9.07 4.79
C VAL A 12 -1.04 -8.71 5.12
N MET A 13 -1.43 -7.48 4.79
CA MET A 13 -2.79 -7.01 5.04
C MET A 13 -3.75 -7.56 3.98
N TYR A 14 -3.38 -7.41 2.72
CA TYR A 14 -4.21 -7.89 1.62
C TYR A 14 -3.78 -9.29 1.19
N LEU B 1 3.82 10.30 -6.24
CA LEU B 1 2.40 10.58 -5.88
C LEU B 1 2.16 10.40 -4.39
N PRO B 2 1.20 11.13 -3.81
CA PRO B 2 0.88 11.05 -2.39
C PRO B 2 0.20 9.73 -2.03
N SER B 3 -0.34 9.66 -0.82
CA SER B 3 -1.01 8.45 -0.35
C SER B 3 -2.39 8.78 0.20
N ASP B 4 -3.36 7.89 -0.06
CA ASP B 4 -4.72 8.09 0.41
C ASP B 4 -5.25 6.83 1.09
N ASP B 5 -5.44 5.78 0.30
CA ASP B 5 -5.94 4.51 0.83
C ASP B 5 -5.09 3.34 0.33
N LEU B 6 -5.42 2.14 0.80
CA LEU B 6 -4.68 0.94 0.40
C LEU B 6 -5.50 0.10 -0.57
N GLU B 7 -6.82 0.15 -0.42
CA GLU B 7 -7.72 -0.61 -1.28
C GLU B 7 -7.54 -0.19 -2.74
N PHE B 8 -7.21 1.07 -2.96
CA PHE B 8 -7.02 1.61 -4.30
C PHE B 8 -5.58 1.44 -4.75
N TRP B 9 -4.66 1.52 -3.78
CA TRP B 9 -3.23 1.39 -4.08
C TRP B 9 -2.88 -0.07 -4.38
N CYS B 10 -3.14 -0.94 -3.41
CA CYS B 10 -2.85 -2.36 -3.56
C CYS B 10 -3.89 -3.04 -4.45
N HIS B 11 -3.86 -2.72 -5.74
CA HIS B 11 -4.80 -3.30 -6.70
C HIS B 11 -4.49 -2.83 -8.12
N VAL B 12 -4.33 -1.52 -8.27
CA VAL B 12 -4.03 -0.93 -9.57
C VAL B 12 -2.55 -1.08 -9.91
N MET B 13 -1.70 -1.02 -8.89
CA MET B 13 -0.27 -1.13 -9.08
C MET B 13 0.20 -2.58 -8.84
N TYR B 14 -0.33 -3.19 -7.80
CA TYR B 14 0.02 -4.56 -7.47
C TYR B 14 -1.03 -5.55 -7.98
N LEU A 1 10.68 11.30 10.24
CA LEU A 1 9.35 10.90 9.73
C LEU A 1 9.50 9.91 8.57
N PRO A 2 9.56 8.60 8.88
CA PRO A 2 9.70 7.55 7.85
C PRO A 2 8.43 7.39 7.02
N SER A 3 8.43 6.40 6.14
CA SER A 3 7.28 6.14 5.28
C SER A 3 6.95 4.65 5.25
N ASP A 4 5.77 4.32 4.73
CA ASP A 4 5.34 2.93 4.66
C ASP A 4 5.60 2.36 3.27
N ASP A 5 6.09 1.12 3.23
CA ASP A 5 6.39 0.46 1.97
C ASP A 5 5.24 -0.44 1.53
N LEU A 6 4.91 -0.39 0.25
CA LEU A 6 3.82 -1.20 -0.29
C LEU A 6 4.22 -2.68 -0.33
N GLU A 7 5.51 -2.94 -0.53
CA GLU A 7 6.02 -4.30 -0.60
C GLU A 7 5.73 -5.05 0.71
N PHE A 8 5.78 -4.32 1.82
CA PHE A 8 5.54 -4.90 3.14
C PHE A 8 4.05 -4.83 3.50
N TRP A 9 3.47 -3.65 3.32
CA TRP A 9 2.06 -3.43 3.64
C TRP A 9 1.17 -4.27 2.72
N CYS A 10 1.43 -4.18 1.41
CA CYS A 10 0.65 -4.92 0.44
C CYS A 10 1.21 -6.33 0.25
N HIS A 11 1.01 -7.17 1.26
CA HIS A 11 1.50 -8.55 1.22
C HIS A 11 1.08 -9.32 2.47
N VAL A 12 1.21 -8.68 3.63
CA VAL A 12 0.86 -9.29 4.90
C VAL A 12 -0.64 -9.19 5.15
N MET A 13 -1.23 -8.08 4.70
CA MET A 13 -2.66 -7.84 4.88
C MET A 13 -3.45 -8.38 3.69
N TYR A 14 -3.03 -8.00 2.48
CA TYR A 14 -3.69 -8.44 1.27
C TYR A 14 -3.05 -9.70 0.71
N LEU B 1 -1.58 11.67 -4.41
CA LEU B 1 -1.38 11.34 -2.98
C LEU B 1 -0.76 9.96 -2.81
N PRO B 2 0.58 9.89 -2.83
CA PRO B 2 1.31 8.62 -2.67
C PRO B 2 1.19 8.06 -1.25
N SER B 3 0.77 6.81 -1.15
CA SER B 3 0.63 6.16 0.14
C SER B 3 -0.37 6.89 1.01
N ASP B 4 -1.66 6.64 0.78
CA ASP B 4 -2.72 7.29 1.54
C ASP B 4 -3.82 6.29 1.89
N ASP B 5 -4.30 5.58 0.89
CA ASP B 5 -5.36 4.59 1.09
C ASP B 5 -5.00 3.27 0.42
N LEU B 6 -5.42 2.17 1.03
CA LEU B 6 -5.15 0.84 0.49
C LEU B 6 -6.36 0.29 -0.27
N GLU B 7 -7.11 1.20 -0.88
CA GLU B 7 -8.29 0.81 -1.64
C GLU B 7 -8.06 0.98 -3.14
N PHE B 8 -7.25 1.97 -3.49
CA PHE B 8 -6.93 2.24 -4.89
C PHE B 8 -5.50 1.84 -5.22
N TRP B 9 -4.62 1.98 -4.23
CA TRP B 9 -3.21 1.65 -4.41
C TRP B 9 -3.04 0.16 -4.64
N CYS B 10 -3.47 -0.66 -3.69
CA CYS B 10 -3.36 -2.11 -3.81
C CYS B 10 -4.46 -2.67 -4.70
N HIS B 11 -4.33 -2.45 -6.00
CA HIS B 11 -5.31 -2.93 -6.96
C HIS B 11 -4.88 -2.61 -8.40
N VAL B 12 -4.50 -1.36 -8.62
CA VAL B 12 -4.05 -0.93 -9.95
C VAL B 12 -2.60 -1.32 -10.19
N MET B 13 -1.80 -1.31 -9.14
CA MET B 13 -0.39 -1.66 -9.24
C MET B 13 -0.17 -3.13 -8.91
N TYR B 14 -0.91 -3.62 -7.92
CA TYR B 14 -0.79 -5.02 -7.50
C TYR B 14 -1.96 -5.83 -8.01
N LEU A 1 12.15 5.39 11.95
CA LEU A 1 12.97 4.61 10.99
C LEU A 1 12.43 4.72 9.57
N PRO A 2 13.30 4.62 8.56
CA PRO A 2 12.90 4.72 7.15
C PRO A 2 12.09 3.51 6.70
N SER A 3 10.93 3.32 7.31
CA SER A 3 10.06 2.20 6.97
C SER A 3 8.83 2.67 6.19
N ASP A 4 8.91 2.63 4.87
CA ASP A 4 7.81 3.06 4.02
C ASP A 4 7.87 2.35 2.66
N ASP A 5 7.19 1.22 2.56
CA ASP A 5 7.16 0.45 1.32
C ASP A 5 5.78 -0.15 1.08
N LEU A 6 5.53 -0.57 -0.15
CA LEU A 6 4.25 -1.17 -0.51
C LEU A 6 4.34 -2.69 -0.52
N GLU A 7 5.51 -3.21 -0.85
CA GLU A 7 5.73 -4.64 -0.89
C GLU A 7 5.48 -5.28 0.48
N PHE A 8 5.76 -4.53 1.53
CA PHE A 8 5.56 -5.01 2.89
C PHE A 8 4.10 -4.86 3.31
N TRP A 9 3.50 -3.73 2.97
CA TRP A 9 2.11 -3.46 3.32
C TRP A 9 1.17 -4.32 2.49
N CYS A 10 1.34 -4.25 1.17
CA CYS A 10 0.50 -5.02 0.25
C CYS A 10 0.95 -6.48 0.19
N HIS A 11 0.78 -7.19 1.31
CA HIS A 11 1.17 -8.59 1.37
C HIS A 11 0.80 -9.19 2.73
N VAL A 12 1.07 -8.45 3.79
CA VAL A 12 0.76 -8.90 5.14
C VAL A 12 -0.72 -8.72 5.45
N MET A 13 -1.32 -7.69 4.88
CA MET A 13 -2.74 -7.41 5.09
C MET A 13 -3.59 -8.01 3.98
N TYR A 14 -3.25 -7.68 2.74
CA TYR A 14 -3.98 -8.18 1.58
C TYR A 14 -3.39 -9.50 1.10
N LEU B 1 -10.33 15.87 -3.91
CA LEU B 1 -8.91 15.42 -4.00
C LEU B 1 -8.75 13.99 -3.48
N PRO B 2 -7.72 13.27 -3.96
CA PRO B 2 -7.47 11.89 -3.53
C PRO B 2 -6.97 11.81 -2.09
N SER B 3 -7.09 10.62 -1.50
CA SER B 3 -6.66 10.42 -0.12
C SER B 3 -5.84 9.13 0.01
N ASP B 4 -4.94 9.11 0.97
CA ASP B 4 -4.09 7.95 1.20
C ASP B 4 -4.93 6.72 1.54
N ASP B 5 -5.12 5.84 0.56
CA ASP B 5 -5.90 4.62 0.76
C ASP B 5 -5.16 3.40 0.25
N LEU B 6 -5.61 2.21 0.66
CA LEU B 6 -4.98 0.96 0.25
C LEU B 6 -5.88 0.21 -0.72
N GLU B 7 -7.19 0.35 -0.55
CA GLU B 7 -8.15 -0.33 -1.40
C GLU B 7 -7.97 0.08 -2.87
N PHE B 8 -7.56 1.33 -3.07
CA PHE B 8 -7.34 1.85 -4.42
C PHE B 8 -5.89 1.64 -4.86
N TRP B 9 -4.97 1.76 -3.91
CA TRP B 9 -3.55 1.60 -4.20
C TRP B 9 -3.24 0.15 -4.54
N CYS B 10 -3.66 -0.76 -3.67
CA CYS B 10 -3.42 -2.19 -3.87
C CYS B 10 -4.38 -2.76 -4.91
N HIS B 11 -4.17 -2.39 -6.16
CA HIS B 11 -5.01 -2.86 -7.26
C HIS B 11 -4.51 -2.34 -8.60
N VAL B 12 -4.21 -1.05 -8.65
CA VAL B 12 -3.73 -0.42 -9.88
C VAL B 12 -2.27 -0.80 -10.15
N MET B 13 -1.51 -1.01 -9.08
CA MET B 13 -0.11 -1.38 -9.19
C MET B 13 0.09 -2.87 -8.95
N TYR B 14 -0.52 -3.37 -7.88
CA TYR B 14 -0.43 -4.79 -7.54
C TYR B 14 -1.71 -5.52 -7.87
N LEU A 1 10.27 10.60 9.23
CA LEU A 1 10.55 10.91 7.79
C LEU A 1 9.66 10.07 6.87
N PRO A 2 9.51 10.49 5.60
CA PRO A 2 8.69 9.76 4.63
C PRO A 2 9.06 8.29 4.53
N SER A 3 8.18 7.42 5.02
CA SER A 3 8.42 5.99 4.99
C SER A 3 7.16 5.23 4.57
N ASP A 4 6.98 5.09 3.26
CA ASP A 4 5.81 4.39 2.73
C ASP A 4 6.23 3.38 1.67
N ASP A 5 6.45 2.13 2.11
CA ASP A 5 6.86 1.07 1.20
C ASP A 5 5.71 0.10 0.96
N LEU A 6 5.50 -0.26 -0.30
CA LEU A 6 4.43 -1.19 -0.66
C LEU A 6 4.98 -2.60 -0.85
N GLU A 7 5.98 -2.95 -0.05
CA GLU A 7 6.59 -4.27 -0.13
C GLU A 7 6.09 -5.17 0.99
N PHE A 8 5.91 -4.60 2.17
CA PHE A 8 5.42 -5.34 3.32
C PHE A 8 3.94 -5.08 3.57
N TRP A 9 3.50 -3.86 3.23
CA TRP A 9 2.11 -3.49 3.42
C TRP A 9 1.20 -4.28 2.48
N CYS A 10 1.54 -4.28 1.20
CA CYS A 10 0.75 -4.99 0.20
C CYS A 10 1.12 -6.47 0.18
N HIS A 11 0.88 -7.16 1.29
CA HIS A 11 1.19 -8.57 1.41
C HIS A 11 0.65 -9.14 2.71
N VAL A 12 0.89 -8.43 3.80
CA VAL A 12 0.42 -8.87 5.12
C VAL A 12 -1.10 -8.72 5.24
N MET A 13 -1.64 -7.73 4.57
CA MET A 13 -3.08 -7.47 4.60
C MET A 13 -3.75 -8.00 3.33
N TYR A 14 -3.22 -7.59 2.18
CA TYR A 14 -3.78 -8.01 0.91
C TYR A 14 -2.94 -9.14 0.30
N LEU B 1 -11.00 10.31 -1.93
CA LEU B 1 -10.26 11.04 -0.87
C LEU B 1 -8.81 10.57 -0.80
N PRO B 2 -7.91 11.18 -1.59
CA PRO B 2 -6.49 10.81 -1.61
C PRO B 2 -5.78 11.21 -0.31
N SER B 3 -5.33 10.21 0.43
CA SER B 3 -4.63 10.45 1.69
C SER B 3 -3.66 9.32 2.01
N ASP B 4 -4.23 8.13 2.23
CA ASP B 4 -3.43 6.95 2.55
C ASP B 4 -4.28 5.69 2.53
N ASP B 5 -5.26 5.65 1.63
CA ASP B 5 -6.15 4.50 1.51
C ASP B 5 -5.48 3.38 0.72
N LEU B 6 -5.55 2.16 1.25
CA LEU B 6 -4.96 1.00 0.59
C LEU B 6 -6.02 0.17 -0.11
N GLU B 7 -7.06 0.84 -0.60
CA GLU B 7 -8.15 0.17 -1.29
C GLU B 7 -8.01 0.31 -2.80
N PHE B 8 -7.48 1.45 -3.24
CA PHE B 8 -7.29 1.73 -4.66
C PHE B 8 -5.83 1.51 -5.05
N TRP B 9 -4.92 1.86 -4.15
CA TRP B 9 -3.49 1.71 -4.43
C TRP B 9 -3.13 0.25 -4.63
N CYS B 10 -3.45 -0.59 -3.65
CA CYS B 10 -3.16 -2.01 -3.72
C CYS B 10 -4.21 -2.74 -4.56
N HIS B 11 -4.19 -2.50 -5.86
CA HIS B 11 -5.14 -3.13 -6.77
C HIS B 11 -4.87 -2.74 -8.22
N VAL B 12 -4.63 -1.45 -8.43
CA VAL B 12 -4.36 -0.94 -9.78
C VAL B 12 -2.91 -1.21 -10.17
N MET B 13 -2.01 -1.16 -9.20
CA MET B 13 -0.60 -1.41 -9.44
C MET B 13 -0.28 -2.90 -9.38
N TYR B 14 -0.55 -3.51 -8.23
CA TYR B 14 -0.30 -4.94 -8.03
C TYR B 14 -1.55 -5.75 -8.32
N LEU A 1 14.97 1.81 -0.63
CA LEU A 1 15.26 2.71 0.51
C LEU A 1 14.52 2.27 1.77
N PRO A 2 15.07 2.58 2.95
CA PRO A 2 14.46 2.21 4.23
C PRO A 2 13.19 3.01 4.51
N SER A 3 12.06 2.32 4.53
CA SER A 3 10.77 2.96 4.78
C SER A 3 9.65 1.92 4.82
N ASP A 4 8.42 2.40 5.00
CA ASP A 4 7.26 1.52 5.05
C ASP A 4 7.11 0.73 3.75
N ASP A 5 7.28 1.42 2.63
CA ASP A 5 7.17 0.78 1.32
C ASP A 5 5.77 0.19 1.12
N LEU A 6 5.57 -0.45 -0.03
CA LEU A 6 4.28 -1.06 -0.33
C LEU A 6 4.35 -2.58 -0.20
N GLU A 7 5.52 -3.14 -0.43
CA GLU A 7 5.73 -4.58 -0.33
C GLU A 7 5.40 -5.08 1.07
N PHE A 8 5.61 -4.23 2.06
CA PHE A 8 5.34 -4.58 3.45
C PHE A 8 3.84 -4.54 3.73
N TRP A 9 3.15 -3.59 3.10
CA TRP A 9 1.71 -3.44 3.28
C TRP A 9 0.94 -4.42 2.39
N CYS A 10 1.22 -4.36 1.09
CA CYS A 10 0.55 -5.24 0.13
C CYS A 10 1.15 -6.64 0.18
N HIS A 11 0.96 -7.33 1.29
CA HIS A 11 1.48 -8.68 1.46
C HIS A 11 1.06 -9.27 2.80
N VAL A 12 1.11 -8.44 3.84
CA VAL A 12 0.72 -8.88 5.18
C VAL A 12 -0.79 -8.78 5.38
N MET A 13 -1.41 -7.81 4.72
CA MET A 13 -2.85 -7.60 4.82
C MET A 13 -3.57 -8.24 3.64
N TYR A 14 -3.16 -7.88 2.43
CA TYR A 14 -3.76 -8.42 1.21
C TYR A 14 -3.02 -9.66 0.74
N LEU B 1 6.64 7.90 -0.35
CA LEU B 1 5.41 7.19 -0.78
C LEU B 1 4.36 7.19 0.33
N PRO B 2 3.52 8.25 0.39
CA PRO B 2 2.47 8.36 1.41
C PRO B 2 1.58 7.12 1.46
N SER B 3 0.99 6.89 2.63
CA SER B 3 0.11 5.73 2.82
C SER B 3 -1.07 5.78 1.85
N ASP B 4 -2.03 6.66 2.14
CA ASP B 4 -3.20 6.82 1.30
C ASP B 4 -4.00 5.52 1.25
N ASP B 5 -5.07 5.51 0.45
CA ASP B 5 -5.90 4.32 0.31
C ASP B 5 -5.13 3.18 -0.33
N LEU B 6 -5.08 2.05 0.34
CA LEU B 6 -4.37 0.88 -0.16
C LEU B 6 -5.26 0.07 -1.09
N GLU B 7 -6.56 0.09 -0.83
CA GLU B 7 -7.53 -0.64 -1.65
C GLU B 7 -7.46 -0.20 -3.11
N PHE B 8 -7.08 1.06 -3.32
CA PHE B 8 -6.98 1.61 -4.67
C PHE B 8 -5.55 1.50 -5.19
N TRP B 9 -4.58 1.85 -4.34
CA TRP B 9 -3.18 1.78 -4.73
C TRP B 9 -2.75 0.34 -4.97
N CYS B 10 -3.15 -0.55 -4.08
CA CYS B 10 -2.81 -1.97 -4.20
C CYS B 10 -3.54 -2.61 -5.37
N HIS B 11 -4.73 -2.10 -5.67
CA HIS B 11 -5.52 -2.63 -6.77
C HIS B 11 -5.03 -2.10 -8.11
N VAL B 12 -4.89 -0.78 -8.20
CA VAL B 12 -4.43 -0.13 -9.43
C VAL B 12 -3.04 -0.63 -9.81
N MET B 13 -2.24 -0.96 -8.81
CA MET B 13 -0.89 -1.45 -9.04
C MET B 13 -0.83 -2.97 -8.98
N TYR B 14 -0.92 -3.51 -7.77
CA TYR B 14 -0.88 -4.94 -7.56
C TYR B 14 -2.27 -5.55 -7.70
N LEU A 1 12.62 10.09 2.84
CA LEU A 1 12.17 9.08 3.83
C LEU A 1 10.73 8.64 3.58
N PRO A 2 10.53 7.64 2.70
CA PRO A 2 9.20 7.13 2.37
C PRO A 2 8.40 6.77 3.61
N SER A 3 7.10 7.07 3.58
CA SER A 3 6.22 6.77 4.71
C SER A 3 6.11 5.26 4.93
N ASP A 4 5.74 4.54 3.87
CA ASP A 4 5.60 3.09 3.95
C ASP A 4 5.62 2.46 2.56
N ASP A 5 6.65 1.66 2.30
CA ASP A 5 6.79 1.01 1.00
C ASP A 5 5.62 0.06 0.74
N LEU A 6 5.54 -0.44 -0.48
CA LEU A 6 4.47 -1.36 -0.86
C LEU A 6 4.98 -2.80 -0.93
N GLU A 7 5.96 -3.12 -0.09
CA GLU A 7 6.54 -4.45 -0.06
C GLU A 7 6.09 -5.21 1.18
N PHE A 8 5.90 -4.48 2.28
CA PHE A 8 5.48 -5.08 3.54
C PHE A 8 3.99 -4.86 3.77
N TRP A 9 3.48 -3.72 3.31
CA TRP A 9 2.07 -3.40 3.46
C TRP A 9 1.20 -4.33 2.64
N CYS A 10 1.37 -4.28 1.32
CA CYS A 10 0.61 -5.14 0.41
C CYS A 10 1.14 -6.57 0.42
N HIS A 11 0.86 -7.28 1.50
CA HIS A 11 1.31 -8.66 1.63
C HIS A 11 0.80 -9.27 2.94
N VAL A 12 1.00 -8.56 4.04
CA VAL A 12 0.55 -9.03 5.34
C VAL A 12 -0.96 -8.92 5.49
N MET A 13 -1.53 -7.90 4.86
CA MET A 13 -2.98 -7.68 4.92
C MET A 13 -3.66 -8.24 3.67
N TYR A 14 -3.20 -7.81 2.50
CA TYR A 14 -3.77 -8.27 1.24
C TYR A 14 -2.91 -9.37 0.62
N LEU B 1 -8.08 10.45 9.22
CA LEU B 1 -8.69 10.28 7.87
C LEU B 1 -7.71 10.68 6.77
N PRO B 2 -6.82 9.75 6.37
CA PRO B 2 -5.83 10.02 5.31
C PRO B 2 -6.47 10.14 3.94
N SER B 3 -5.78 10.83 3.03
CA SER B 3 -6.28 11.01 1.67
C SER B 3 -6.21 9.71 0.89
N ASP B 4 -5.00 9.30 0.52
CA ASP B 4 -4.81 8.07 -0.24
C ASP B 4 -5.30 6.86 0.55
N ASP B 5 -5.28 5.69 -0.08
CA ASP B 5 -5.72 4.46 0.55
C ASP B 5 -5.10 3.25 -0.12
N LEU B 6 -5.24 2.09 0.52
CA LEU B 6 -4.68 0.84 -0.02
C LEU B 6 -5.69 0.16 -0.95
N GLU B 7 -6.98 0.35 -0.66
CA GLU B 7 -8.04 -0.25 -1.47
C GLU B 7 -7.96 0.24 -2.90
N PHE B 8 -7.51 1.48 -3.08
CA PHE B 8 -7.40 2.06 -4.41
C PHE B 8 -6.00 1.85 -4.97
N TRP B 9 -4.99 1.97 -4.12
CA TRP B 9 -3.60 1.79 -4.53
C TRP B 9 -3.29 0.32 -4.78
N CYS B 10 -3.48 -0.49 -3.74
CA CYS B 10 -3.22 -1.93 -3.85
C CYS B 10 -4.28 -2.61 -4.72
N HIS B 11 -4.24 -2.32 -6.02
CA HIS B 11 -5.20 -2.90 -6.96
C HIS B 11 -4.88 -2.48 -8.39
N VAL B 12 -4.68 -1.18 -8.58
CA VAL B 12 -4.37 -0.64 -9.90
C VAL B 12 -2.92 -0.92 -10.28
N MET B 13 -2.05 -0.95 -9.27
CA MET B 13 -0.63 -1.21 -9.51
C MET B 13 -0.34 -2.71 -9.46
N TYR B 14 -0.76 -3.36 -8.39
CA TYR B 14 -0.55 -4.79 -8.23
C TYR B 14 -1.79 -5.58 -8.61
N LEU A 1 9.21 10.78 9.85
CA LEU A 1 9.65 9.39 9.60
C LEU A 1 9.47 9.00 8.13
N PRO A 2 10.49 9.29 7.30
CA PRO A 2 10.43 8.98 5.86
C PRO A 2 10.50 7.48 5.59
N SER A 3 9.34 6.86 5.45
CA SER A 3 9.26 5.42 5.20
C SER A 3 7.90 5.05 4.60
N ASP A 4 7.88 4.79 3.30
CA ASP A 4 6.64 4.43 2.62
C ASP A 4 6.86 3.21 1.74
N ASP A 5 6.76 2.02 2.34
CA ASP A 5 6.95 0.77 1.59
C ASP A 5 5.60 0.11 1.30
N LEU A 6 5.50 -0.52 0.14
CA LEU A 6 4.28 -1.20 -0.26
C LEU A 6 4.44 -2.71 -0.19
N GLU A 7 5.65 -3.18 -0.42
CA GLU A 7 5.93 -4.61 -0.38
C GLU A 7 5.62 -5.19 1.00
N PHE A 8 5.79 -4.37 2.02
CA PHE A 8 5.52 -4.81 3.40
C PHE A 8 4.03 -4.72 3.71
N TRP A 9 3.43 -3.58 3.41
CA TRP A 9 2.01 -3.37 3.66
C TRP A 9 1.16 -4.19 2.70
N CYS A 10 1.25 -3.87 1.41
CA CYS A 10 0.49 -4.59 0.39
C CYS A 10 1.10 -5.97 0.13
N HIS A 11 0.96 -6.87 1.09
CA HIS A 11 1.48 -8.21 0.96
C HIS A 11 1.11 -9.06 2.18
N VAL A 12 1.37 -8.52 3.36
CA VAL A 12 1.08 -9.23 4.61
C VAL A 12 -0.43 -9.34 4.82
N MET A 13 -1.17 -8.32 4.37
CA MET A 13 -2.61 -8.30 4.52
C MET A 13 -3.30 -8.76 3.24
N TYR A 14 -3.04 -8.03 2.14
CA TYR A 14 -3.63 -8.37 0.86
C TYR A 14 -2.93 -9.57 0.23
N LEU B 1 -4.24 14.96 2.39
CA LEU B 1 -4.21 13.53 2.78
C LEU B 1 -2.79 12.96 2.68
N PRO B 2 -2.00 13.07 3.76
CA PRO B 2 -0.63 12.56 3.79
C PRO B 2 -0.58 11.03 3.79
N SER B 3 -1.55 10.41 4.44
CA SER B 3 -1.62 8.95 4.51
C SER B 3 -2.59 8.40 3.48
N ASP B 4 -2.05 7.98 2.33
CA ASP B 4 -2.87 7.43 1.26
C ASP B 4 -3.62 6.19 1.73
N ASP B 5 -4.73 5.88 1.07
CA ASP B 5 -5.54 4.72 1.42
C ASP B 5 -5.08 3.49 0.64
N LEU B 6 -5.51 2.32 1.10
CA LEU B 6 -5.15 1.06 0.45
C LEU B 6 -6.33 0.50 -0.33
N GLU B 7 -7.15 1.39 -0.89
CA GLU B 7 -8.32 0.98 -1.67
C GLU B 7 -8.03 1.06 -3.17
N PHE B 8 -7.33 2.11 -3.57
CA PHE B 8 -6.99 2.31 -4.97
C PHE B 8 -5.57 1.84 -5.26
N TRP B 9 -4.66 2.11 -4.33
CA TRP B 9 -3.26 1.72 -4.48
C TRP B 9 -3.13 0.21 -4.62
N CYS B 10 -3.67 -0.52 -3.65
CA CYS B 10 -3.61 -1.98 -3.67
C CYS B 10 -4.70 -2.55 -4.56
N HIS B 11 -4.52 -2.43 -5.87
CA HIS B 11 -5.49 -2.93 -6.83
C HIS B 11 -5.01 -2.72 -8.26
N VAL B 12 -4.54 -1.51 -8.55
CA VAL B 12 -4.05 -1.19 -9.88
C VAL B 12 -2.59 -1.62 -10.05
N MET B 13 -1.85 -1.60 -8.95
CA MET B 13 -0.44 -2.01 -8.98
C MET B 13 -0.29 -3.49 -8.65
N TYR B 14 -0.77 -3.87 -7.47
CA TYR B 14 -0.69 -5.26 -7.03
C TYR B 14 -1.92 -6.04 -7.48
N LEU A 1 14.20 -0.14 -1.09
CA LEU A 1 13.16 -0.03 -0.04
C LEU A 1 13.78 0.21 1.33
N PRO A 2 14.16 1.46 1.63
CA PRO A 2 14.76 1.81 2.92
C PRO A 2 13.77 1.74 4.07
N SER A 3 12.58 2.29 3.86
CA SER A 3 11.54 2.28 4.88
C SER A 3 10.18 2.63 4.28
N ASP A 4 9.13 2.02 4.80
CA ASP A 4 7.77 2.27 4.32
C ASP A 4 7.65 1.91 2.84
N ASP A 5 6.98 0.81 2.55
CA ASP A 5 6.78 0.36 1.18
C ASP A 5 5.42 -0.29 1.00
N LEU A 6 4.97 -0.39 -0.24
CA LEU A 6 3.68 -0.99 -0.55
C LEU A 6 3.80 -2.50 -0.66
N GLU A 7 4.95 -2.97 -1.12
CA GLU A 7 5.19 -4.40 -1.28
C GLU A 7 5.06 -5.13 0.06
N PHE A 8 5.40 -4.43 1.13
CA PHE A 8 5.31 -5.01 2.48
C PHE A 8 3.91 -4.87 3.05
N TRP A 9 3.29 -3.72 2.81
CA TRP A 9 1.95 -3.45 3.30
C TRP A 9 0.91 -4.25 2.50
N CYS A 10 1.21 -4.49 1.23
CA CYS A 10 0.31 -5.24 0.36
C CYS A 10 0.71 -6.71 0.30
N HIS A 11 1.05 -7.27 1.46
CA HIS A 11 1.45 -8.67 1.54
C HIS A 11 1.00 -9.28 2.87
N VAL A 12 1.26 -8.58 3.96
CA VAL A 12 0.88 -9.06 5.29
C VAL A 12 -0.63 -8.92 5.51
N MET A 13 -1.20 -7.86 4.96
CA MET A 13 -2.64 -7.62 5.09
C MET A 13 -3.40 -8.14 3.87
N TYR A 14 -3.05 -7.62 2.71
CA TYR A 14 -3.71 -8.02 1.47
C TYR A 14 -3.09 -9.32 0.93
N LEU B 1 -0.24 13.82 3.27
CA LEU B 1 -0.67 12.49 3.77
C LEU B 1 -0.65 11.44 2.67
N PRO B 2 0.52 10.90 2.35
CA PRO B 2 0.67 9.88 1.30
C PRO B 2 0.05 8.54 1.71
N SER B 3 -1.26 8.42 1.51
CA SER B 3 -1.97 7.19 1.86
C SER B 3 -3.11 6.94 0.87
N ASP B 4 -4.18 7.70 0.99
CA ASP B 4 -5.34 7.55 0.12
C ASP B 4 -5.93 6.15 0.24
N ASP B 5 -5.92 5.61 1.45
CA ASP B 5 -6.45 4.27 1.70
C ASP B 5 -5.70 3.23 0.88
N LEU B 6 -5.74 1.98 1.34
CA LEU B 6 -5.06 0.88 0.66
C LEU B 6 -6.06 0.07 -0.17
N GLU B 7 -7.04 0.75 -0.74
CA GLU B 7 -8.05 0.09 -1.55
C GLU B 7 -7.84 0.40 -3.04
N PHE B 8 -7.31 1.58 -3.32
CA PHE B 8 -7.06 1.99 -4.70
C PHE B 8 -5.61 1.72 -5.09
N TRP B 9 -4.70 1.84 -4.12
CA TRP B 9 -3.29 1.61 -4.36
C TRP B 9 -3.01 0.11 -4.54
N CYS B 10 -3.55 -0.70 -3.64
CA CYS B 10 -3.36 -2.14 -3.70
C CYS B 10 -4.27 -2.77 -4.75
N HIS B 11 -4.07 -2.38 -6.01
CA HIS B 11 -4.87 -2.91 -7.11
C HIS B 11 -4.32 -2.43 -8.45
N VAL B 12 -4.13 -1.12 -8.58
CA VAL B 12 -3.61 -0.55 -9.82
C VAL B 12 -2.16 -0.97 -10.04
N MET B 13 -1.41 -1.10 -8.95
CA MET B 13 0.00 -1.49 -9.03
C MET B 13 0.16 -2.98 -8.79
N TYR B 14 -0.50 -3.48 -7.76
CA TYR B 14 -0.42 -4.90 -7.42
C TYR B 14 -1.73 -5.62 -7.79
N LEU A 1 8.59 11.84 6.14
CA LEU A 1 8.34 11.13 7.42
C LEU A 1 8.53 9.62 7.27
N PRO A 2 8.94 8.93 8.36
CA PRO A 2 9.14 7.49 8.34
C PRO A 2 7.93 6.74 7.80
N SER A 3 7.97 6.38 6.52
CA SER A 3 6.88 5.66 5.88
C SER A 3 7.35 4.31 5.37
N ASP A 4 6.61 3.26 5.72
CA ASP A 4 6.95 1.90 5.30
C ASP A 4 6.86 1.77 3.77
N ASP A 5 7.08 0.56 3.27
CA ASP A 5 7.03 0.30 1.84
C ASP A 5 5.75 -0.44 1.47
N LEU A 6 5.47 -0.52 0.17
CA LEU A 6 4.28 -1.20 -0.31
C LEU A 6 4.49 -2.71 -0.31
N GLU A 7 5.73 -3.14 -0.52
CA GLU A 7 6.06 -4.56 -0.54
C GLU A 7 5.72 -5.21 0.80
N PHE A 8 5.85 -4.44 1.88
CA PHE A 8 5.55 -4.94 3.21
C PHE A 8 4.08 -4.78 3.55
N TRP A 9 3.54 -3.59 3.29
CA TRP A 9 2.14 -3.30 3.56
C TRP A 9 1.23 -4.14 2.68
N CYS A 10 1.47 -4.09 1.37
CA CYS A 10 0.67 -4.85 0.42
C CYS A 10 1.21 -6.27 0.27
N HIS A 11 0.97 -7.10 1.29
CA HIS A 11 1.42 -8.48 1.27
C HIS A 11 0.95 -9.22 2.52
N VAL A 12 1.18 -8.62 3.67
CA VAL A 12 0.78 -9.22 4.94
C VAL A 12 -0.73 -9.14 5.13
N MET A 13 -1.33 -8.06 4.66
CA MET A 13 -2.76 -7.87 4.77
C MET A 13 -3.49 -8.39 3.53
N TYR A 14 -3.21 -7.78 2.38
CA TYR A 14 -3.83 -8.18 1.13
C TYR A 14 -3.13 -9.41 0.56
N LEU B 1 1.57 13.63 -1.17
CA LEU B 1 0.70 13.01 -2.20
C LEU B 1 -0.49 12.29 -1.56
N PRO B 2 -1.53 13.04 -1.16
CA PRO B 2 -2.71 12.47 -0.52
C PRO B 2 -3.56 11.66 -1.50
N SER B 3 -4.76 11.29 -1.08
CA SER B 3 -5.66 10.51 -1.91
C SER B 3 -5.04 9.17 -2.27
N ASP B 4 -4.23 8.63 -1.37
CA ASP B 4 -3.57 7.35 -1.60
C ASP B 4 -4.09 6.29 -0.64
N ASP B 5 -5.24 5.72 -0.96
CA ASP B 5 -5.86 4.69 -0.13
C ASP B 5 -5.41 3.29 -0.57
N LEU B 6 -5.40 2.36 0.37
CA LEU B 6 -5.00 0.99 0.08
C LEU B 6 -5.95 0.34 -0.91
N GLU B 7 -7.23 0.70 -0.81
CA GLU B 7 -8.25 0.15 -1.69
C GLU B 7 -7.96 0.52 -3.15
N PHE B 8 -7.37 1.70 -3.35
CA PHE B 8 -7.05 2.17 -4.69
C PHE B 8 -5.61 1.81 -5.05
N TRP B 9 -4.71 1.92 -4.07
CA TRP B 9 -3.31 1.61 -4.29
C TRP B 9 -3.11 0.12 -4.57
N CYS B 10 -3.54 -0.71 -3.62
CA CYS B 10 -3.41 -2.15 -3.76
C CYS B 10 -4.51 -2.71 -4.66
N HIS B 11 -4.39 -2.46 -5.95
CA HIS B 11 -5.38 -2.93 -6.92
C HIS B 11 -4.96 -2.57 -8.34
N VAL B 12 -4.58 -1.32 -8.54
CA VAL B 12 -4.16 -0.85 -9.86
C VAL B 12 -2.70 -1.20 -10.12
N MET B 13 -1.89 -1.21 -9.07
CA MET B 13 -0.48 -1.52 -9.18
C MET B 13 -0.21 -2.98 -8.83
N TYR B 14 -0.90 -3.46 -7.79
CA TYR B 14 -0.73 -4.84 -7.35
C TYR B 14 -1.94 -5.68 -7.76
N LEU A 1 17.69 1.13 8.95
CA LEU A 1 16.47 1.99 8.99
C LEU A 1 15.20 1.15 8.96
N PRO A 2 14.09 1.70 9.46
CA PRO A 2 12.81 1.00 9.50
C PRO A 2 12.41 0.45 8.12
N SER A 3 12.67 1.23 7.09
CA SER A 3 12.35 0.82 5.73
C SER A 3 10.85 0.57 5.56
N ASP A 4 10.19 1.45 4.81
CA ASP A 4 8.76 1.33 4.58
C ASP A 4 8.44 1.41 3.09
N ASP A 5 7.67 0.43 2.60
CA ASP A 5 7.29 0.39 1.20
C ASP A 5 5.90 -0.20 1.03
N LEU A 6 5.40 -0.18 -0.20
CA LEU A 6 4.08 -0.73 -0.50
C LEU A 6 4.12 -2.25 -0.61
N GLU A 7 5.26 -2.77 -1.06
CA GLU A 7 5.43 -4.21 -1.20
C GLU A 7 5.23 -4.93 0.13
N PHE A 8 5.58 -4.25 1.22
CA PHE A 8 5.43 -4.81 2.55
C PHE A 8 4.00 -4.67 3.05
N TRP A 9 3.34 -3.59 2.63
CA TRP A 9 1.96 -3.33 3.04
C TRP A 9 0.99 -4.15 2.21
N CYS A 10 1.07 -3.98 0.88
CA CYS A 10 0.19 -4.69 -0.03
C CYS A 10 0.63 -6.15 -0.19
N HIS A 11 0.45 -6.93 0.87
CA HIS A 11 0.83 -8.34 0.86
C HIS A 11 0.44 -9.02 2.17
N VAL A 12 0.74 -8.35 3.28
CA VAL A 12 0.43 -8.90 4.60
C VAL A 12 -1.06 -8.76 4.91
N MET A 13 -1.67 -7.68 4.40
CA MET A 13 -3.09 -7.43 4.62
C MET A 13 -3.92 -7.86 3.42
N TYR A 14 -3.57 -7.35 2.24
CA TYR A 14 -4.27 -7.67 1.02
C TYR A 14 -3.68 -8.92 0.37
N LEU B 1 -2.54 5.20 9.73
CA LEU B 1 -2.18 5.97 8.51
C LEU B 1 -3.35 6.03 7.53
N PRO B 2 -4.24 7.03 7.68
CA PRO B 2 -5.40 7.18 6.80
C PRO B 2 -4.99 7.64 5.40
N SER B 3 -3.88 8.36 5.31
CA SER B 3 -3.39 8.86 4.04
C SER B 3 -3.10 7.71 3.08
N ASP B 4 -3.30 7.95 1.79
CA ASP B 4 -3.05 6.94 0.77
C ASP B 4 -3.94 5.72 0.99
N ASP B 5 -5.02 5.63 0.22
CA ASP B 5 -5.95 4.51 0.34
C ASP B 5 -5.30 3.21 -0.10
N LEU B 6 -5.27 2.23 0.80
CA LEU B 6 -4.68 0.93 0.51
C LEU B 6 -5.56 0.12 -0.43
N GLU B 7 -6.88 0.33 -0.32
CA GLU B 7 -7.83 -0.39 -1.17
C GLU B 7 -7.59 -0.08 -2.64
N PHE B 8 -7.18 1.15 -2.93
CA PHE B 8 -6.91 1.55 -4.31
C PHE B 8 -5.46 1.27 -4.68
N TRP B 9 -4.54 1.60 -3.77
CA TRP B 9 -3.12 1.38 -4.02
C TRP B 9 -2.83 -0.11 -4.24
N CYS B 10 -3.18 -0.93 -3.25
CA CYS B 10 -2.96 -2.37 -3.33
C CYS B 10 -3.99 -3.02 -4.24
N HIS B 11 -3.87 -2.78 -5.54
CA HIS B 11 -4.79 -3.36 -6.51
C HIS B 11 -4.38 -2.99 -7.94
N VAL B 12 -4.28 -1.69 -8.21
CA VAL B 12 -3.90 -1.20 -9.53
C VAL B 12 -2.41 -1.39 -9.76
N MET B 13 -1.63 -1.32 -8.69
CA MET B 13 -0.18 -1.48 -8.78
C MET B 13 0.22 -2.91 -8.46
N TYR B 14 -0.35 -3.46 -7.40
CA TYR B 14 -0.05 -4.83 -6.98
C TYR B 14 -1.20 -5.77 -7.31
N LEU A 1 14.67 2.36 11.62
CA LEU A 1 13.30 2.93 11.71
C LEU A 1 12.38 2.34 10.63
N PRO A 2 11.06 2.47 10.80
CA PRO A 2 10.08 1.95 9.84
C PRO A 2 10.09 2.73 8.53
N SER A 3 10.55 2.07 7.46
CA SER A 3 10.61 2.71 6.15
C SER A 3 9.22 2.82 5.53
N ASP A 4 8.36 1.86 5.84
CA ASP A 4 7.00 1.84 5.32
C ASP A 4 7.00 1.77 3.80
N ASP A 5 6.72 0.60 3.26
CA ASP A 5 6.69 0.40 1.82
C ASP A 5 5.38 -0.27 1.39
N LEU A 6 5.26 -0.54 0.08
CA LEU A 6 4.07 -1.17 -0.45
C LEU A 6 4.28 -2.68 -0.59
N GLU A 7 5.52 -3.09 -0.83
CA GLU A 7 5.85 -4.50 -0.98
C GLU A 7 5.51 -5.27 0.29
N PHE A 8 5.61 -4.60 1.43
CA PHE A 8 5.31 -5.23 2.72
C PHE A 8 3.84 -5.01 3.11
N TRP A 9 3.36 -3.79 2.88
CA TRP A 9 1.98 -3.45 3.20
C TRP A 9 1.01 -4.16 2.27
N CYS A 10 1.24 -4.01 0.97
CA CYS A 10 0.38 -4.65 -0.03
C CYS A 10 0.68 -6.13 -0.15
N HIS A 11 0.45 -6.87 0.94
CA HIS A 11 0.70 -8.30 0.95
C HIS A 11 0.27 -8.91 2.29
N VAL A 12 0.83 -8.40 3.37
CA VAL A 12 0.51 -8.89 4.71
C VAL A 12 -0.94 -8.58 5.07
N MET A 13 -1.40 -7.40 4.68
CA MET A 13 -2.77 -6.99 4.95
C MET A 13 -3.74 -7.54 3.92
N TYR A 14 -3.35 -7.46 2.65
CA TYR A 14 -4.18 -7.96 1.56
C TYR A 14 -3.61 -9.25 0.98
N LEU B 1 -13.76 12.65 -3.67
CA LEU B 1 -12.45 13.32 -3.93
C LEU B 1 -11.29 12.39 -3.59
N PRO B 2 -10.09 12.67 -4.14
CA PRO B 2 -8.90 11.86 -3.89
C PRO B 2 -8.64 11.66 -2.40
N SER B 3 -8.10 10.49 -2.05
CA SER B 3 -7.80 10.18 -0.65
C SER B 3 -6.83 9.01 -0.56
N ASP B 4 -5.77 9.18 0.23
CA ASP B 4 -4.77 8.14 0.40
C ASP B 4 -5.40 6.88 1.00
N ASP B 5 -5.44 5.81 0.20
CA ASP B 5 -6.01 4.55 0.64
C ASP B 5 -5.17 3.38 0.16
N LEU B 6 -5.51 2.18 0.64
CA LEU B 6 -4.78 0.97 0.26
C LEU B 6 -5.61 0.12 -0.69
N GLU B 7 -6.93 0.17 -0.54
CA GLU B 7 -7.83 -0.59 -1.38
C GLU B 7 -7.68 -0.20 -2.85
N PHE B 8 -7.36 1.06 -3.08
CA PHE B 8 -7.17 1.56 -4.45
C PHE B 8 -5.71 1.43 -4.88
N TRP B 9 -4.80 1.56 -3.92
CA TRP B 9 -3.37 1.45 -4.20
C TRP B 9 -2.95 0.00 -4.36
N CYS B 10 -3.19 -0.80 -3.34
CA CYS B 10 -2.84 -2.21 -3.37
C CYS B 10 -3.81 -3.00 -4.25
N HIS B 11 -3.77 -2.74 -5.56
CA HIS B 11 -4.64 -3.41 -6.50
C HIS B 11 -4.34 -2.97 -7.93
N VAL B 12 -4.46 -1.68 -8.18
CA VAL B 12 -4.19 -1.12 -9.51
C VAL B 12 -2.71 -1.20 -9.85
N MET B 13 -1.86 -0.89 -8.88
CA MET B 13 -0.41 -0.93 -9.08
C MET B 13 0.12 -2.35 -8.95
N TYR B 14 -0.34 -3.06 -7.93
CA TYR B 14 0.09 -4.44 -7.70
C TYR B 14 -1.03 -5.42 -8.06
#